data_8FIE
#
_entry.id   8FIE
#
_cell.length_a   93.211
_cell.length_b   97.499
_cell.length_c   107.174
_cell.angle_alpha   90.000
_cell.angle_beta   90.000
_cell.angle_gamma   90.000
#
_symmetry.space_group_name_H-M   'C 2 2 21'
#
loop_
_entity.id
_entity.type
_entity.pdbx_description
1 polymer 'Cytochrome P450'
2 non-polymer 'PROTOPORPHYRIN IX CONTAINING FE'
3 water water
#
_entity_poly.entity_id   1
_entity_poly.type   'polypeptide(L)'
_entity_poly.pdbx_seq_one_letter_code
;MAHHHHHHGSTQEHSTPSATDYRDAFAALAAPENNSNPYEYMRWLREHDPVHRSASGIFLLSRHADIYWALKATGDTFRG
PSAGDLARLFPRAAISRSLNLLASTLAMKEPPTHTRLRRLISRDFTVRQIDSLRPSIVQVTQTRLGNIASSLEKGHVVNL
HEVFSVVLPMLIFAELFGMTQADIFELAASIRTILEGLNPHASDEQLAASDAASLEVERYFEGLIEKKRREPQSDLVSVL
VSTHDDDDDKLSDTELISMLWGILLGGFDTTAAMIDHAILDMLAFPEQRRWLEGDAASVKAFIEEVLRYDAPAMFSSIPR
IAQYDITIGDVTIPEGADVRVLLASGNRDPAAFPDPDRFDPSRFHGTAPGMSTYGHVLLSFGHGIHFCLGAQLARVQLAE
CLPVINARFPHLVLAGDPVREPSAFLRTFRSLPVRLDTSGR
;
_entity_poly.pdbx_strand_id   A
#
loop_
_chem_comp.id
_chem_comp.type
_chem_comp.name
_chem_comp.formula
HEM non-polymer 'PROTOPORPHYRIN IX CONTAINING FE' 'C34 H32 Fe N4 O4'
#
# COMPACT_ATOMS: atom_id res chain seq x y z
N ARG A 23 7.63 0.76 27.60
CA ARG A 23 6.77 1.33 26.56
C ARG A 23 6.90 0.54 25.25
N ASP A 24 5.84 -0.16 24.88
CA ASP A 24 5.81 -0.92 23.63
C ASP A 24 5.60 0.05 22.47
N ALA A 25 6.52 0.03 21.51
CA ALA A 25 6.52 1.03 20.45
C ALA A 25 5.33 0.84 19.51
N PHE A 26 4.85 -0.39 19.34
CA PHE A 26 3.68 -0.60 18.50
C PHE A 26 2.42 -0.03 19.16
N ALA A 27 2.31 -0.16 20.48
CA ALA A 27 1.19 0.43 21.19
C ALA A 27 1.34 1.95 21.29
N ALA A 28 2.57 2.43 21.47
CA ALA A 28 2.80 3.87 21.53
C ALA A 28 2.41 4.54 20.23
N LEU A 29 2.58 3.86 19.11
CA LEU A 29 2.27 4.42 17.79
C LEU A 29 0.79 4.30 17.45
N ALA A 30 0.06 3.43 18.13
CA ALA A 30 -1.39 3.32 18.00
C ALA A 30 -2.14 4.14 19.04
N ALA A 31 -1.43 4.71 20.01
CA ALA A 31 -2.06 5.49 21.06
C ALA A 31 -2.64 6.78 20.50
N PRO A 32 -3.65 7.36 21.16
CA PRO A 32 -4.23 8.61 20.67
C PRO A 32 -3.30 9.79 20.80
N GLU A 33 -2.28 9.71 21.67
CA GLU A 33 -1.36 10.82 21.86
C GLU A 33 -0.45 11.00 20.65
N ASN A 34 -0.20 9.92 19.89
CA ASN A 34 0.65 9.98 18.71
C ASN A 34 -0.06 9.49 17.46
N ASN A 35 -1.40 9.48 17.46
CA ASN A 35 -2.13 9.01 16.28
C ASN A 35 -2.21 10.09 15.21
N SER A 36 -2.18 11.36 15.62
CA SER A 36 -2.25 12.47 14.67
C SER A 36 -0.89 12.72 14.02
N ASN A 37 0.14 12.93 14.83
CA ASN A 37 1.50 13.17 14.35
C ASN A 37 2.45 12.26 15.12
N PRO A 38 2.77 11.10 14.58
CA PRO A 38 3.67 10.17 15.27
C PRO A 38 5.15 10.41 15.04
N TYR A 39 5.53 11.48 14.33
CA TYR A 39 6.91 11.64 13.89
C TYR A 39 7.84 12.17 14.97
N GLU A 40 7.33 12.85 15.99
CA GLU A 40 8.18 13.19 17.11
C GLU A 40 8.57 11.95 17.90
N TYR A 41 7.62 11.04 18.11
CA TYR A 41 7.94 9.76 18.76
C TYR A 41 8.90 8.94 17.90
N MET A 42 8.72 8.96 16.58
CA MET A 42 9.64 8.23 15.72
C MET A 42 11.05 8.81 15.82
N ARG A 43 11.16 10.13 15.89
CA ARG A 43 12.47 10.74 16.11
C ARG A 43 13.09 10.23 17.40
N TRP A 44 12.29 10.19 18.47
CA TRP A 44 12.80 9.67 19.74
C TRP A 44 13.31 8.25 19.58
N LEU A 45 12.56 7.40 18.87
CA LEU A 45 13.00 6.02 18.67
C LEU A 45 14.34 5.98 17.96
N ARG A 46 14.47 6.71 16.85
CA ARG A 46 15.70 6.67 16.07
C ARG A 46 16.92 6.98 16.93
N GLU A 47 16.79 7.94 17.86
CA GLU A 47 17.92 8.40 18.65
C GLU A 47 18.14 7.58 19.92
N HIS A 48 17.07 7.07 20.54
CA HIS A 48 17.16 6.48 21.87
C HIS A 48 16.93 4.98 21.89
N ASP A 49 16.13 4.44 20.97
CA ASP A 49 15.87 3.00 20.91
C ASP A 49 15.73 2.57 19.46
N PRO A 50 16.82 2.69 18.68
CA PRO A 50 16.70 2.41 17.23
C PRO A 50 16.48 0.95 16.89
N VAL A 51 16.85 0.02 17.77
CA VAL A 51 16.60 -1.41 17.56
C VAL A 51 15.66 -1.87 18.65
N HIS A 52 14.40 -1.47 18.56
CA HIS A 52 13.47 -1.60 19.67
C HIS A 52 12.89 -3.00 19.73
N ARG A 53 13.00 -3.63 20.90
CA ARG A 53 12.37 -4.92 21.17
C ARG A 53 11.03 -4.68 21.84
N SER A 54 9.95 -5.11 21.18
CA SER A 54 8.61 -4.88 21.71
C SER A 54 8.32 -5.89 22.82
N ALA A 55 7.13 -5.75 23.43
CA ALA A 55 6.72 -6.68 24.47
C ALA A 55 6.61 -8.10 23.92
N SER A 56 6.20 -8.24 22.67
CA SER A 56 6.03 -9.54 22.04
C SER A 56 7.34 -10.19 21.63
N GLY A 57 8.46 -9.49 21.77
CA GLY A 57 9.73 -9.96 21.24
C GLY A 57 10.00 -9.57 19.81
N ILE A 58 9.02 -8.98 19.13
CA ILE A 58 9.22 -8.49 17.76
C ILE A 58 10.03 -7.21 17.81
N PHE A 59 10.99 -7.08 16.91
CA PHE A 59 11.86 -5.91 16.84
C PHE A 59 11.34 -4.92 15.82
N LEU A 60 11.64 -3.65 16.05
CA LEU A 60 11.21 -2.55 15.19
C LEU A 60 12.41 -1.65 14.91
N LEU A 61 12.77 -1.51 13.64
CA LEU A 61 13.86 -0.65 13.20
C LEU A 61 13.27 0.68 12.74
N SER A 62 13.81 1.78 13.27
CA SER A 62 13.28 3.11 12.97
C SER A 62 14.22 3.97 12.13
N ARG A 63 15.51 3.63 12.05
CA ARG A 63 16.46 4.44 11.29
C ARG A 63 16.50 4.02 9.83
N HIS A 64 16.67 5.00 8.94
CA HIS A 64 16.75 4.71 7.52
C HIS A 64 17.84 3.69 7.22
N ALA A 65 19.02 3.85 7.83
CA ALA A 65 20.14 2.97 7.51
C ALA A 65 19.83 1.52 7.89
N ASP A 66 19.28 1.32 9.09
CA ASP A 66 18.96 -0.04 9.53
C ASP A 66 17.78 -0.62 8.77
N ILE A 67 16.80 0.22 8.40
CA ILE A 67 15.68 -0.26 7.60
C ILE A 67 16.16 -0.69 6.22
N TYR A 68 16.94 0.18 5.56
CA TYR A 68 17.50 -0.12 4.25
C TYR A 68 18.26 -1.45 4.27
N TRP A 69 19.17 -1.61 5.23
CA TRP A 69 19.93 -2.85 5.33
C TRP A 69 19.00 -4.06 5.46
N ALA A 70 18.04 -3.98 6.38
CA ALA A 70 17.18 -5.14 6.63
C ALA A 70 16.32 -5.49 5.42
N LEU A 71 15.91 -4.48 4.65
CA LEU A 71 15.12 -4.76 3.46
C LEU A 71 15.95 -5.42 2.38
N LYS A 72 17.17 -4.95 2.16
CA LYS A 72 18.00 -5.51 1.10
C LYS A 72 18.62 -6.84 1.52
N ALA A 73 18.70 -7.12 2.81
CA ALA A 73 19.18 -8.41 3.28
C ALA A 73 18.11 -9.50 3.23
N THR A 74 16.84 -9.16 3.01
CA THR A 74 15.79 -10.17 3.02
C THR A 74 16.06 -11.20 1.94
N GLY A 75 16.34 -12.44 2.37
CA GLY A 75 16.75 -13.49 1.46
C GLY A 75 18.02 -14.18 1.93
N ASP A 76 18.99 -13.40 2.40
CA ASP A 76 20.22 -13.96 2.95
C ASP A 76 20.16 -13.99 4.47
N THR A 77 20.13 -12.81 5.10
CA THR A 77 20.09 -12.73 6.56
C THR A 77 18.72 -13.03 7.12
N PHE A 78 17.66 -12.67 6.41
CA PHE A 78 16.30 -12.90 6.83
C PHE A 78 15.62 -13.89 5.90
N ARG A 79 14.79 -14.76 6.48
CA ARG A 79 13.92 -15.64 5.73
C ARG A 79 12.47 -15.20 5.91
N GLY A 80 11.62 -15.72 5.06
CA GLY A 80 10.20 -15.48 5.19
C GLY A 80 9.61 -16.28 6.33
N PRO A 81 8.37 -15.94 6.68
CA PRO A 81 7.71 -16.65 7.79
C PRO A 81 7.49 -18.11 7.46
N SER A 82 7.71 -18.96 8.47
CA SER A 82 7.41 -20.38 8.36
C SER A 82 5.95 -20.63 8.70
N ALA A 83 5.52 -21.89 8.55
CA ALA A 83 4.20 -22.28 9.01
C ALA A 83 4.07 -22.03 10.51
N GLY A 84 5.14 -22.24 11.27
CA GLY A 84 5.10 -21.97 12.69
C GLY A 84 5.04 -20.48 12.99
N ASP A 85 5.78 -19.67 12.22
CA ASP A 85 5.73 -18.23 12.41
C ASP A 85 4.32 -17.69 12.21
N LEU A 86 3.69 -18.06 11.09
CA LEU A 86 2.32 -17.61 10.83
C LEU A 86 1.37 -18.10 11.91
N ALA A 87 1.60 -19.32 12.42
CA ALA A 87 0.75 -19.85 13.47
C ALA A 87 0.86 -19.01 14.73
N ARG A 88 2.08 -18.56 15.06
CA ARG A 88 2.26 -17.69 16.22
C ARG A 88 1.69 -16.31 15.96
N LEU A 89 1.83 -15.80 14.73
CA LEU A 89 1.33 -14.47 14.40
C LEU A 89 -0.19 -14.43 14.31
N PHE A 90 -0.82 -15.54 13.96
CA PHE A 90 -2.27 -15.62 13.81
C PHE A 90 -2.77 -16.84 14.57
N PRO A 91 -2.68 -16.81 15.90
CA PRO A 91 -3.03 -18.02 16.67
C PRO A 91 -4.49 -18.43 16.50
N ARG A 92 -5.40 -17.47 16.41
CA ARG A 92 -6.82 -17.80 16.31
C ARG A 92 -7.22 -18.34 14.94
N ALA A 93 -6.40 -18.12 13.91
CA ALA A 93 -6.71 -18.55 12.56
C ALA A 93 -5.66 -19.51 12.00
N ALA A 94 -4.97 -20.24 12.89
CA ALA A 94 -3.78 -20.98 12.49
C ALA A 94 -4.06 -21.94 11.34
N ILE A 95 -5.18 -22.64 11.37
CA ILE A 95 -5.50 -23.63 10.36
C ILE A 95 -6.68 -23.18 9.48
N SER A 96 -6.96 -21.89 9.44
CA SER A 96 -8.13 -21.42 8.71
C SER A 96 -7.85 -21.34 7.21
N ARG A 97 -8.93 -21.41 6.43
CA ARG A 97 -8.83 -21.15 5.00
C ARG A 97 -8.24 -19.77 4.74
N SER A 98 -8.56 -18.80 5.59
CA SER A 98 -8.13 -17.42 5.36
C SER A 98 -6.62 -17.27 5.51
N LEU A 99 -6.06 -17.85 6.58
CA LEU A 99 -4.60 -17.77 6.76
C LEU A 99 -3.89 -18.55 5.66
N ASN A 100 -4.47 -19.66 5.20
CA ASN A 100 -3.86 -20.43 4.13
C ASN A 100 -3.78 -19.60 2.85
N LEU A 101 -4.82 -18.81 2.57
CA LEU A 101 -4.81 -17.95 1.40
C LEU A 101 -3.76 -16.85 1.53
N LEU A 102 -3.67 -16.23 2.71
CA LEU A 102 -2.66 -15.20 2.93
C LEU A 102 -1.26 -15.81 2.81
N ALA A 103 -1.05 -16.98 3.42
CA ALA A 103 0.26 -17.62 3.36
C ALA A 103 0.70 -17.87 1.93
N SER A 104 -0.25 -18.06 1.02
CA SER A 104 0.09 -18.38 -0.37
C SER A 104 0.46 -17.14 -1.19
N THR A 105 0.33 -15.94 -0.62
CA THR A 105 0.61 -14.73 -1.38
C THR A 105 2.12 -14.49 -1.50
N LEU A 106 2.48 -13.81 -2.59
CA LEU A 106 3.87 -13.45 -2.85
C LEU A 106 4.53 -12.80 -1.63
N ALA A 107 3.79 -11.92 -0.94
CA ALA A 107 4.38 -11.20 0.19
C ALA A 107 4.82 -12.13 1.30
N MET A 108 4.18 -13.29 1.44
CA MET A 108 4.49 -14.24 2.50
C MET A 108 5.44 -15.35 2.05
N LYS A 109 5.92 -15.29 0.82
CA LYS A 109 6.82 -16.30 0.28
C LYS A 109 8.27 -15.83 0.37
N GLU A 110 9.19 -16.77 0.14
CA GLU A 110 10.62 -16.50 0.16
C GLU A 110 11.26 -17.17 -1.04
N PRO A 111 12.46 -16.75 -1.41
CA PRO A 111 13.15 -17.40 -2.53
C PRO A 111 13.47 -18.84 -2.19
N PRO A 112 13.56 -19.73 -3.20
CA PRO A 112 13.36 -19.43 -4.62
C PRO A 112 11.91 -19.47 -5.12
N THR A 113 10.98 -19.95 -4.29
CA THR A 113 9.58 -19.96 -4.70
C THR A 113 9.10 -18.54 -5.01
N HIS A 114 9.42 -17.59 -4.12
CA HIS A 114 9.07 -16.20 -4.37
C HIS A 114 9.64 -15.70 -5.68
N THR A 115 10.81 -16.21 -6.09
CA THR A 115 11.49 -15.69 -7.26
C THR A 115 10.76 -16.07 -8.54
N ARG A 116 10.29 -17.32 -8.63
CA ARG A 116 9.51 -17.74 -9.79
C ARG A 116 8.20 -16.96 -9.87
N LEU A 117 7.44 -16.94 -8.77
CA LEU A 117 6.14 -16.28 -8.78
C LEU A 117 6.26 -14.82 -9.17
N ARG A 118 7.23 -14.12 -8.57
CA ARG A 118 7.47 -12.73 -8.97
C ARG A 118 7.80 -12.63 -10.44
N ARG A 119 8.66 -13.52 -10.93
CA ARG A 119 9.04 -13.53 -12.34
C ARG A 119 7.83 -13.67 -13.25
N LEU A 120 6.89 -14.54 -12.90
CA LEU A 120 5.78 -14.86 -13.78
C LEU A 120 4.73 -13.75 -13.80
N ILE A 121 4.53 -13.05 -12.68
CA ILE A 121 3.54 -11.97 -12.67
C ILE A 121 4.11 -10.72 -13.32
N SER A 122 5.41 -10.49 -13.18
CA SER A 122 6.03 -9.32 -13.80
C SER A 122 6.22 -9.50 -15.30
N ARG A 123 6.19 -10.73 -15.80
CA ARG A 123 6.21 -10.95 -17.24
C ARG A 123 5.02 -10.30 -17.91
N ASP A 124 3.85 -10.32 -17.25
CA ASP A 124 2.62 -9.79 -17.82
C ASP A 124 2.11 -8.52 -17.15
N PHE A 125 2.47 -8.28 -15.89
CA PHE A 125 2.07 -7.07 -15.17
C PHE A 125 3.18 -6.05 -15.35
N THR A 126 3.17 -5.40 -16.52
CA THR A 126 4.29 -4.63 -17.02
C THR A 126 4.00 -3.13 -16.97
N VAL A 127 5.05 -2.34 -17.22
CA VAL A 127 4.91 -0.89 -17.30
C VAL A 127 3.96 -0.52 -18.42
N ARG A 128 4.09 -1.18 -19.58
CA ARG A 128 3.16 -0.94 -20.68
C ARG A 128 1.72 -1.21 -20.23
N GLN A 129 1.47 -2.37 -19.64
CA GLN A 129 0.13 -2.70 -19.15
C GLN A 129 -0.41 -1.59 -18.25
N ILE A 130 0.42 -1.09 -17.33
CA ILE A 130 -0.05 -0.08 -16.39
C ILE A 130 -0.27 1.25 -17.09
N ASP A 131 0.67 1.66 -17.96
CA ASP A 131 0.48 2.90 -18.68
C ASP A 131 -0.81 2.89 -19.50
N SER A 132 -1.23 1.72 -19.96
CA SER A 132 -2.46 1.62 -20.74
C SER A 132 -3.70 1.92 -19.90
N LEU A 133 -3.56 2.04 -18.58
CA LEU A 133 -4.67 2.37 -17.70
C LEU A 133 -4.84 3.87 -17.48
N ARG A 134 -3.89 4.68 -17.93
CA ARG A 134 -3.98 6.11 -17.68
C ARG A 134 -5.27 6.72 -18.21
N PRO A 135 -5.75 6.38 -19.41
CA PRO A 135 -7.03 6.95 -19.86
C PRO A 135 -8.19 6.61 -18.94
N SER A 136 -8.24 5.37 -18.46
CA SER A 136 -9.30 4.99 -17.53
C SER A 136 -9.18 5.77 -16.23
N ILE A 137 -7.96 6.06 -15.79
CA ILE A 137 -7.78 6.82 -14.55
C ILE A 137 -8.39 8.20 -14.70
N VAL A 138 -8.10 8.88 -15.82
CA VAL A 138 -8.68 10.20 -16.04
C VAL A 138 -10.19 10.09 -16.15
N GLN A 139 -10.67 9.10 -16.91
CA GLN A 139 -12.11 8.91 -17.10
C GLN A 139 -12.81 8.75 -15.76
N VAL A 140 -12.30 7.87 -14.91
CA VAL A 140 -12.93 7.63 -13.61
C VAL A 140 -12.91 8.92 -12.78
N THR A 141 -11.78 9.64 -12.80
CA THR A 141 -11.68 10.86 -12.01
C THR A 141 -12.68 11.91 -12.51
N GLN A 142 -12.80 12.08 -13.83
CA GLN A 142 -13.75 13.04 -14.36
C GLN A 142 -15.17 12.67 -13.94
N THR A 143 -15.53 11.39 -14.07
CA THR A 143 -16.89 10.98 -13.72
C THR A 143 -17.17 11.21 -12.23
N ARG A 144 -16.24 10.81 -11.36
CA ARG A 144 -16.48 10.90 -9.93
C ARG A 144 -16.51 12.35 -9.47
N LEU A 145 -15.58 13.18 -9.94
CA LEU A 145 -15.65 14.60 -9.63
C LEU A 145 -16.92 15.21 -10.19
N GLY A 146 -17.31 14.82 -11.41
CA GLY A 146 -18.55 15.31 -11.97
C GLY A 146 -19.76 14.95 -11.15
N ASN A 147 -19.70 13.82 -10.45
CA ASN A 147 -20.83 13.41 -9.61
C ASN A 147 -21.04 14.36 -8.44
N ILE A 148 -19.98 15.02 -7.97
CA ILE A 148 -20.04 15.91 -6.82
C ILE A 148 -19.90 17.37 -7.19
N ALA A 149 -19.75 17.69 -8.47
CA ALA A 149 -19.51 19.07 -8.86
C ALA A 149 -20.62 19.99 -8.38
N SER A 150 -21.87 19.60 -8.61
CA SER A 150 -23.01 20.45 -8.24
C SER A 150 -23.02 20.70 -6.73
N SER A 151 -22.91 19.62 -5.94
CA SER A 151 -22.94 19.78 -4.49
C SER A 151 -21.85 20.72 -4.01
N LEU A 152 -20.63 20.58 -4.55
CA LEU A 152 -19.56 21.49 -4.18
C LEU A 152 -19.87 22.91 -4.65
N GLU A 153 -20.48 23.06 -5.82
CA GLU A 153 -20.82 24.38 -6.32
C GLU A 153 -21.86 25.08 -5.45
N LYS A 154 -22.75 24.30 -4.82
CA LYS A 154 -23.77 24.85 -3.93
C LYS A 154 -23.24 25.14 -2.54
N GLY A 155 -21.91 25.16 -2.34
CA GLY A 155 -21.34 25.48 -1.06
C GLY A 155 -21.34 24.38 -0.02
N HIS A 156 -21.63 23.14 -0.42
CA HIS A 156 -21.72 22.05 0.53
C HIS A 156 -20.36 21.41 0.78
N VAL A 157 -20.33 20.48 1.73
CA VAL A 157 -19.12 19.74 2.12
C VAL A 157 -19.22 18.33 1.57
N VAL A 158 -18.07 17.78 1.15
CA VAL A 158 -18.00 16.44 0.60
C VAL A 158 -16.90 15.66 1.32
N ASN A 159 -17.19 14.40 1.65
CA ASN A 159 -16.18 13.48 2.17
C ASN A 159 -15.44 12.89 0.97
N LEU A 160 -14.38 13.58 0.54
CA LEU A 160 -13.66 13.17 -0.66
C LEU A 160 -13.11 11.76 -0.54
N HIS A 161 -12.76 11.33 0.68
CA HIS A 161 -12.24 9.99 0.87
C HIS A 161 -13.23 8.93 0.40
N GLU A 162 -14.48 9.06 0.84
CA GLU A 162 -15.49 8.03 0.60
C GLU A 162 -15.99 8.05 -0.85
N VAL A 163 -16.12 9.24 -1.43
CA VAL A 163 -16.66 9.37 -2.77
C VAL A 163 -15.59 9.22 -3.85
N PHE A 164 -14.31 9.37 -3.50
CA PHE A 164 -13.27 9.27 -4.52
C PHE A 164 -12.09 8.39 -4.12
N SER A 165 -11.43 8.69 -3.00
CA SER A 165 -10.15 8.06 -2.70
C SER A 165 -10.25 6.54 -2.67
N VAL A 166 -11.28 6.01 -2.00
CA VAL A 166 -11.43 4.56 -1.95
C VAL A 166 -11.96 3.99 -3.26
N VAL A 167 -12.66 4.79 -4.06
CA VAL A 167 -13.33 4.27 -5.25
C VAL A 167 -12.36 4.10 -6.40
N LEU A 168 -11.57 5.14 -6.69
CA LEU A 168 -10.69 5.08 -7.85
C LEU A 168 -9.81 3.83 -7.87
N PRO A 169 -9.10 3.48 -6.79
CA PRO A 169 -8.23 2.29 -6.87
C PRO A 169 -8.99 1.01 -7.19
N MET A 170 -10.20 0.85 -6.67
CA MET A 170 -10.96 -0.37 -6.93
C MET A 170 -11.44 -0.41 -8.39
N LEU A 171 -11.97 0.70 -8.89
CA LEU A 171 -12.39 0.75 -10.28
C LEU A 171 -11.22 0.51 -11.23
N ILE A 172 -10.02 0.95 -10.85
CA ILE A 172 -8.86 0.68 -11.71
C ILE A 172 -8.48 -0.79 -11.64
N PHE A 173 -8.61 -1.41 -10.46
CA PHE A 173 -8.42 -2.86 -10.38
C PHE A 173 -9.42 -3.59 -11.28
N ALA A 174 -10.68 -3.14 -11.27
CA ALA A 174 -11.69 -3.77 -12.12
C ALA A 174 -11.29 -3.71 -13.58
N GLU A 175 -10.88 -2.53 -14.04
CA GLU A 175 -10.37 -2.41 -15.40
C GLU A 175 -9.16 -3.31 -15.62
N LEU A 176 -8.24 -3.35 -14.66
CA LEU A 176 -7.03 -4.14 -14.83
C LEU A 176 -7.35 -5.61 -14.98
N PHE A 177 -8.20 -6.15 -14.11
CA PHE A 177 -8.46 -7.58 -14.10
C PHE A 177 -9.51 -8.00 -15.13
N GLY A 178 -10.27 -7.06 -15.66
CA GLY A 178 -11.36 -7.40 -16.55
C GLY A 178 -12.62 -7.78 -15.82
N MET A 179 -12.92 -7.11 -14.72
CA MET A 179 -14.06 -7.41 -13.85
C MET A 179 -15.10 -6.31 -13.96
N THR A 180 -16.29 -6.60 -13.44
CA THR A 180 -17.33 -5.60 -13.36
C THR A 180 -17.13 -4.73 -12.12
N GLN A 181 -17.72 -3.54 -12.14
CA GLN A 181 -17.72 -2.69 -10.95
C GLN A 181 -18.39 -3.41 -9.79
N ALA A 182 -19.52 -4.08 -10.05
CA ALA A 182 -20.22 -4.79 -8.99
C ALA A 182 -19.30 -5.81 -8.32
N ASP A 183 -18.50 -6.52 -9.11
CA ASP A 183 -17.67 -7.58 -8.54
C ASP A 183 -16.59 -7.00 -7.63
N ILE A 184 -15.89 -5.96 -8.09
CA ILE A 184 -14.75 -5.46 -7.32
C ILE A 184 -15.21 -4.93 -5.97
N PHE A 185 -16.37 -4.27 -5.94
CA PHE A 185 -16.90 -3.77 -4.67
C PHE A 185 -17.34 -4.90 -3.76
N GLU A 186 -17.82 -6.01 -4.33
CA GLU A 186 -18.12 -7.18 -3.52
C GLU A 186 -16.84 -7.84 -3.01
N LEU A 187 -15.80 -7.91 -3.84
CA LEU A 187 -14.54 -8.47 -3.39
C LEU A 187 -13.92 -7.61 -2.28
N ALA A 188 -13.94 -6.29 -2.45
CA ALA A 188 -13.42 -5.41 -1.40
C ALA A 188 -14.08 -5.70 -0.06
N ALA A 189 -15.40 -5.88 -0.07
CA ALA A 189 -16.10 -6.27 1.15
C ALA A 189 -15.57 -7.59 1.70
N SER A 190 -15.34 -8.57 0.83
CA SER A 190 -14.78 -9.83 1.28
C SER A 190 -13.40 -9.65 1.90
N ILE A 191 -12.56 -8.81 1.26
CA ILE A 191 -11.26 -8.50 1.84
C ILE A 191 -11.42 -7.91 3.23
N ARG A 192 -12.41 -7.01 3.40
CA ARG A 192 -12.67 -6.43 4.71
C ARG A 192 -12.99 -7.51 5.73
N THR A 193 -13.89 -8.44 5.38
CA THR A 193 -14.26 -9.51 6.29
C THR A 193 -13.06 -10.40 6.62
N ILE A 194 -12.31 -10.80 5.59
CA ILE A 194 -11.16 -11.67 5.81
C ILE A 194 -10.15 -11.01 6.76
N LEU A 195 -9.88 -9.72 6.53
CA LEU A 195 -8.89 -9.03 7.36
C LEU A 195 -9.40 -8.87 8.79
N GLU A 196 -10.70 -8.59 8.96
CA GLU A 196 -11.27 -8.56 10.30
C GLU A 196 -11.17 -9.93 10.97
N GLY A 197 -11.23 -11.00 10.19
CA GLY A 197 -11.12 -12.34 10.74
C GLY A 197 -9.72 -12.69 11.20
N LEU A 198 -8.71 -11.96 10.74
CA LEU A 198 -7.33 -12.26 11.08
C LEU A 198 -6.74 -11.33 12.14
N ASN A 199 -7.52 -10.40 12.67
CA ASN A 199 -7.05 -9.61 13.79
C ASN A 199 -6.91 -10.51 15.02
N PRO A 200 -5.93 -10.21 15.90
CA PRO A 200 -5.68 -11.14 17.02
C PRO A 200 -6.85 -11.26 17.98
N HIS A 201 -7.68 -10.23 18.10
CA HIS A 201 -8.84 -10.25 18.99
C HIS A 201 -10.12 -10.73 18.29
N ALA A 202 -10.04 -11.11 17.01
CA ALA A 202 -11.24 -11.47 16.26
C ALA A 202 -12.03 -12.57 16.98
N SER A 203 -13.35 -12.46 16.91
CA SER A 203 -14.23 -13.44 17.50
C SER A 203 -14.28 -14.70 16.64
N ASP A 204 -14.83 -15.78 17.23
CA ASP A 204 -15.17 -16.96 16.44
C ASP A 204 -16.06 -16.58 15.26
N GLU A 205 -17.00 -15.66 15.48
CA GLU A 205 -17.95 -15.29 14.44
C GLU A 205 -17.24 -14.64 13.27
N GLN A 206 -16.30 -13.73 13.55
CA GLN A 206 -15.51 -13.10 12.50
C GLN A 206 -14.65 -14.13 11.79
N LEU A 207 -14.12 -15.11 12.52
CA LEU A 207 -13.38 -16.21 11.91
C LEU A 207 -14.23 -16.94 10.89
N ALA A 208 -15.42 -17.40 11.32
CA ALA A 208 -16.34 -18.08 10.42
C ALA A 208 -16.68 -17.20 9.22
N ALA A 209 -17.04 -15.94 9.48
CA ALA A 209 -17.35 -15.02 8.39
C ALA A 209 -16.18 -14.88 7.44
N SER A 210 -14.95 -14.89 7.97
CA SER A 210 -13.77 -14.79 7.14
C SER A 210 -13.60 -16.03 6.26
N ASP A 211 -13.79 -17.21 6.84
CA ASP A 211 -13.60 -18.45 6.08
C ASP A 211 -14.60 -18.56 4.94
N ALA A 212 -15.85 -18.15 5.18
CA ALA A 212 -16.83 -18.16 4.10
C ALA A 212 -16.44 -17.16 3.00
N ALA A 213 -15.96 -15.98 3.39
CA ALA A 213 -15.54 -15.01 2.39
C ALA A 213 -14.36 -15.54 1.57
N SER A 214 -13.41 -16.19 2.23
CA SER A 214 -12.29 -16.78 1.49
C SER A 214 -12.77 -17.80 0.48
N LEU A 215 -13.76 -18.61 0.87
CA LEU A 215 -14.43 -19.49 -0.10
C LEU A 215 -15.03 -18.68 -1.24
N GLU A 216 -15.71 -17.58 -0.91
N GLU A 216 -15.72 -17.58 -0.91
CA GLU A 216 -16.31 -16.73 -1.92
CA GLU A 216 -16.32 -16.73 -1.94
C GLU A 216 -15.27 -16.21 -2.90
C GLU A 216 -15.27 -16.22 -2.91
N VAL A 217 -14.16 -15.69 -2.37
CA VAL A 217 -13.13 -15.10 -3.22
C VAL A 217 -12.50 -16.16 -4.12
N GLU A 218 -12.21 -17.35 -3.57
CA GLU A 218 -11.62 -18.39 -4.39
C GLU A 218 -12.57 -18.85 -5.50
N ARG A 219 -13.86 -18.98 -5.17
CA ARG A 219 -14.82 -19.36 -6.19
C ARG A 219 -14.90 -18.30 -7.28
N TYR A 220 -14.86 -17.02 -6.89
CA TYR A 220 -14.96 -15.95 -7.87
C TYR A 220 -13.79 -16.00 -8.86
N PHE A 221 -12.57 -16.12 -8.34
CA PHE A 221 -11.40 -16.10 -9.22
C PHE A 221 -11.33 -17.35 -10.10
N GLU A 222 -11.78 -18.50 -9.57
CA GLU A 222 -11.82 -19.70 -10.41
C GLU A 222 -12.78 -19.50 -11.59
N GLY A 223 -13.91 -18.84 -11.34
CA GLY A 223 -14.82 -18.54 -12.43
C GLY A 223 -14.31 -17.45 -13.33
N LEU A 224 -13.61 -16.46 -12.78
CA LEU A 224 -13.02 -15.43 -13.61
C LEU A 224 -11.90 -16.00 -14.48
N ILE A 225 -11.09 -16.90 -13.91
CA ILE A 225 -10.02 -17.53 -14.69
C ILE A 225 -10.61 -18.34 -15.84
N GLU A 226 -11.64 -19.14 -15.56
CA GLU A 226 -12.21 -20.00 -16.59
C GLU A 226 -12.85 -19.18 -17.71
N LYS A 227 -13.47 -18.05 -17.36
CA LYS A 227 -14.14 -17.24 -18.38
C LYS A 227 -13.13 -16.62 -19.34
N LYS A 228 -12.07 -16.01 -18.81
CA LYS A 228 -11.07 -15.39 -19.67
C LYS A 228 -10.33 -16.42 -20.51
N ARG A 229 -10.24 -17.66 -20.02
CA ARG A 229 -9.52 -18.70 -20.75
C ARG A 229 -10.26 -19.08 -22.03
N ARG A 230 -11.59 -19.20 -21.97
CA ARG A 230 -12.37 -19.54 -23.15
C ARG A 230 -12.59 -18.32 -24.05
N GLU A 231 -12.81 -17.15 -23.45
CA GLU A 231 -13.00 -15.89 -24.18
C GLU A 231 -12.00 -14.88 -23.67
N PRO A 232 -10.74 -14.95 -24.12
CA PRO A 232 -9.75 -13.97 -23.66
C PRO A 232 -10.09 -12.56 -24.11
N GLN A 233 -9.81 -11.59 -23.24
CA GLN A 233 -9.96 -10.19 -23.57
C GLN A 233 -8.59 -9.52 -23.48
N SER A 234 -8.56 -8.21 -23.24
CA SER A 234 -7.29 -7.46 -23.20
C SER A 234 -6.81 -7.19 -21.78
N ASP A 235 -7.48 -7.74 -20.77
CA ASP A 235 -7.13 -7.47 -19.38
C ASP A 235 -5.95 -8.34 -18.93
N LEU A 236 -5.50 -8.12 -17.70
CA LEU A 236 -4.33 -8.83 -17.20
C LEU A 236 -4.62 -10.31 -16.99
N VAL A 237 -5.82 -10.65 -16.52
CA VAL A 237 -6.15 -12.04 -16.27
C VAL A 237 -6.13 -12.83 -17.56
N SER A 238 -6.67 -12.26 -18.64
CA SER A 238 -6.60 -12.90 -19.95
C SER A 238 -5.15 -13.18 -20.34
N VAL A 239 -4.28 -12.16 -20.23
CA VAL A 239 -2.88 -12.36 -20.57
C VAL A 239 -2.27 -13.45 -19.70
N LEU A 240 -2.63 -13.48 -18.42
CA LEU A 240 -2.01 -14.41 -17.49
C LEU A 240 -2.40 -15.85 -17.77
N VAL A 241 -3.63 -16.07 -18.24
CA VAL A 241 -4.14 -17.43 -18.41
C VAL A 241 -3.88 -18.01 -19.80
N SER A 242 -3.53 -17.16 -20.77
CA SER A 242 -3.26 -17.64 -22.12
C SER A 242 -1.79 -18.00 -22.26
N THR A 243 -1.46 -18.63 -23.38
CA THR A 243 -0.11 -19.12 -23.58
C THR A 243 0.86 -17.96 -23.81
N HIS A 244 2.14 -18.26 -23.64
CA HIS A 244 3.23 -17.32 -23.88
C HIS A 244 4.20 -17.94 -24.88
N ASP A 245 4.77 -17.08 -25.72
CA ASP A 245 5.63 -17.56 -26.80
C ASP A 245 6.99 -17.99 -26.27
N ASP A 246 7.60 -17.17 -25.42
CA ASP A 246 8.99 -17.40 -25.03
C ASP A 246 9.11 -18.60 -24.10
N ASP A 247 8.51 -18.52 -22.91
CA ASP A 247 8.57 -19.57 -21.91
C ASP A 247 7.22 -20.27 -21.83
N ASP A 248 7.25 -21.59 -21.63
CA ASP A 248 6.04 -22.36 -21.37
C ASP A 248 5.68 -22.39 -19.88
N ASP A 249 6.48 -21.77 -19.03
CA ASP A 249 6.11 -21.65 -17.62
C ASP A 249 4.94 -20.67 -17.48
N LYS A 250 4.10 -20.94 -16.47
CA LYS A 250 2.96 -20.08 -16.21
C LYS A 250 2.46 -20.36 -14.80
N LEU A 251 1.69 -19.42 -14.27
CA LEU A 251 1.07 -19.61 -12.97
C LEU A 251 -0.07 -20.62 -13.08
N SER A 252 0.01 -21.68 -12.29
CA SER A 252 -1.10 -22.62 -12.21
C SER A 252 -2.34 -21.91 -11.65
N ASP A 253 -3.49 -22.56 -11.80
CA ASP A 253 -4.73 -21.95 -11.35
C ASP A 253 -4.67 -21.57 -9.87
N THR A 254 -4.14 -22.47 -9.04
CA THR A 254 -4.00 -22.16 -7.62
C THR A 254 -3.08 -20.95 -7.42
N GLU A 255 -1.95 -20.92 -8.13
CA GLU A 255 -1.05 -19.79 -8.01
C GLU A 255 -1.70 -18.51 -8.53
N LEU A 256 -2.53 -18.63 -9.58
CA LEU A 256 -3.22 -17.47 -10.13
C LEU A 256 -4.19 -16.88 -9.12
N ILE A 257 -5.03 -17.74 -8.52
CA ILE A 257 -5.97 -17.27 -7.51
C ILE A 257 -5.23 -16.49 -6.43
N SER A 258 -4.06 -16.98 -6.02
CA SER A 258 -3.31 -16.34 -4.95
C SER A 258 -2.67 -15.04 -5.41
N MET A 259 -2.17 -15.01 -6.65
CA MET A 259 -1.53 -13.79 -7.16
C MET A 259 -2.55 -12.66 -7.26
N LEU A 260 -3.71 -12.94 -7.83
CA LEU A 260 -4.75 -11.92 -7.98
C LEU A 260 -5.26 -11.46 -6.63
N TRP A 261 -5.45 -12.39 -5.69
CA TRP A 261 -5.86 -12.04 -4.33
C TRP A 261 -4.83 -11.14 -3.67
N GLY A 262 -3.56 -11.52 -3.75
CA GLY A 262 -2.52 -10.72 -3.11
C GLY A 262 -2.34 -9.36 -3.75
N ILE A 263 -2.53 -9.27 -5.07
CA ILE A 263 -2.50 -8.00 -5.76
C ILE A 263 -3.58 -7.07 -5.22
N LEU A 264 -4.80 -7.60 -5.04
CA LEU A 264 -5.87 -6.77 -4.49
C LEU A 264 -5.59 -6.40 -3.04
N LEU A 265 -5.08 -7.34 -2.25
CA LEU A 265 -4.75 -7.02 -0.86
C LEU A 265 -3.69 -5.93 -0.80
N GLY A 266 -2.67 -6.02 -1.66
CA GLY A 266 -1.62 -5.01 -1.65
C GLY A 266 -2.13 -3.62 -1.97
N GLY A 267 -3.16 -3.51 -2.81
CA GLY A 267 -3.74 -2.25 -3.18
C GLY A 267 -4.98 -1.86 -2.40
N PHE A 268 -5.31 -2.58 -1.33
CA PHE A 268 -6.49 -2.31 -0.52
C PHE A 268 -6.10 -1.37 0.62
N ASP A 269 -6.78 -0.22 0.71
CA ASP A 269 -6.52 0.85 1.66
C ASP A 269 -5.29 1.68 1.29
N THR A 270 -4.15 1.01 1.05
CA THR A 270 -2.89 1.72 0.78
C THR A 270 -3.08 2.83 -0.24
N THR A 271 -3.54 2.48 -1.45
CA THR A 271 -3.67 3.45 -2.52
C THR A 271 -4.61 4.59 -2.12
N ALA A 272 -5.77 4.25 -1.53
CA ALA A 272 -6.69 5.28 -1.08
C ALA A 272 -6.03 6.21 -0.07
N ALA A 273 -5.23 5.66 0.85
CA ALA A 273 -4.52 6.48 1.83
C ALA A 273 -3.54 7.42 1.15
N MET A 274 -2.82 6.92 0.14
CA MET A 274 -1.89 7.75 -0.61
C MET A 274 -2.61 8.91 -1.29
N ILE A 275 -3.80 8.65 -1.83
CA ILE A 275 -4.59 9.71 -2.45
C ILE A 275 -5.04 10.72 -1.39
N ASP A 276 -5.58 10.23 -0.27
CA ASP A 276 -5.96 11.11 0.83
C ASP A 276 -4.79 12.00 1.23
N HIS A 277 -3.62 11.39 1.48
CA HIS A 277 -2.45 12.15 1.90
C HIS A 277 -2.07 13.20 0.86
N ALA A 278 -2.12 12.82 -0.43
CA ALA A 278 -1.77 13.77 -1.48
C ALA A 278 -2.72 14.95 -1.52
N ILE A 279 -4.02 14.69 -1.36
CA ILE A 279 -4.99 15.77 -1.32
C ILE A 279 -4.75 16.64 -0.08
N LEU A 280 -4.42 16.02 1.05
CA LEU A 280 -4.16 16.81 2.25
C LEU A 280 -2.89 17.64 2.12
N ASP A 281 -1.88 17.13 1.40
CA ASP A 281 -0.67 17.92 1.19
C ASP A 281 -0.95 19.10 0.26
N MET A 282 -1.77 18.88 -0.78
CA MET A 282 -2.15 19.98 -1.65
C MET A 282 -2.82 21.10 -0.87
N LEU A 283 -3.71 20.76 0.06
CA LEU A 283 -4.49 21.75 0.78
C LEU A 283 -3.66 22.44 1.86
N ALA A 284 -2.79 21.68 2.54
CA ALA A 284 -1.96 22.28 3.58
C ALA A 284 -0.86 23.15 2.99
N PHE A 285 -0.35 22.79 1.81
CA PHE A 285 0.75 23.49 1.16
C PHE A 285 0.30 23.98 -0.21
N PRO A 286 -0.63 24.93 -0.26
CA PRO A 286 -1.11 25.40 -1.57
C PRO A 286 0.00 25.94 -2.47
N GLU A 287 1.12 26.41 -1.90
CA GLU A 287 2.22 26.89 -2.73
C GLU A 287 2.94 25.76 -3.47
N GLN A 288 2.62 24.50 -3.18
CA GLN A 288 3.22 23.38 -3.87
C GLN A 288 2.34 22.82 -5.00
N ARG A 289 1.08 23.27 -5.11
CA ARG A 289 0.22 22.78 -6.17
C ARG A 289 0.73 23.17 -7.56
N ARG A 290 1.68 24.10 -7.64
CA ARG A 290 2.32 24.41 -8.92
C ARG A 290 2.96 23.17 -9.52
N TRP A 291 3.42 22.23 -8.69
CA TRP A 291 4.04 21.02 -9.21
C TRP A 291 3.04 20.18 -10.00
N LEU A 292 1.77 20.16 -9.59
CA LEU A 292 0.75 19.38 -10.27
C LEU A 292 0.28 20.01 -11.57
N GLU A 293 0.74 21.22 -11.88
CA GLU A 293 0.37 21.92 -13.11
C GLU A 293 1.46 21.81 -14.18
N GLY A 294 2.57 21.15 -13.88
CA GLY A 294 3.70 21.11 -14.77
C GLY A 294 3.74 19.84 -15.61
N ASP A 295 4.89 19.63 -16.25
CA ASP A 295 5.10 18.46 -17.09
C ASP A 295 5.09 17.20 -16.23
N ALA A 296 5.29 16.06 -16.90
CA ALA A 296 5.24 14.77 -16.22
C ALA A 296 6.23 14.71 -15.07
N ALA A 297 7.47 15.13 -15.32
CA ALA A 297 8.49 15.10 -14.27
C ALA A 297 8.07 15.92 -13.06
N SER A 298 7.39 17.04 -13.29
CA SER A 298 6.95 17.89 -12.19
C SER A 298 5.92 17.18 -11.32
N VAL A 299 4.91 16.58 -11.95
CA VAL A 299 3.86 15.89 -11.21
C VAL A 299 4.45 14.73 -10.41
N LYS A 300 5.36 13.96 -11.02
CA LYS A 300 5.97 12.84 -10.33
C LYS A 300 6.71 13.29 -9.07
N ALA A 301 7.35 14.46 -9.14
CA ALA A 301 8.10 14.95 -7.98
C ALA A 301 7.19 15.21 -6.79
N PHE A 302 6.06 15.87 -7.03
CA PHE A 302 5.07 16.07 -5.97
C PHE A 302 4.67 14.75 -5.33
N ILE A 303 4.40 13.74 -6.16
CA ILE A 303 3.84 12.50 -5.65
C ILE A 303 4.90 11.72 -4.87
N GLU A 304 6.16 11.76 -5.32
CA GLU A 304 7.22 11.15 -4.53
C GLU A 304 7.30 11.77 -3.15
N GLU A 305 7.18 13.11 -3.07
CA GLU A 305 7.27 13.77 -1.77
C GLU A 305 6.05 13.47 -0.91
N VAL A 306 4.87 13.28 -1.52
CA VAL A 306 3.74 12.80 -0.75
C VAL A 306 4.08 11.46 -0.09
N LEU A 307 4.74 10.58 -0.85
CA LEU A 307 5.08 9.26 -0.31
C LEU A 307 6.12 9.36 0.80
N ARG A 308 7.08 10.29 0.68
CA ARG A 308 8.11 10.40 1.70
C ARG A 308 7.58 11.08 2.95
N TYR A 309 6.75 12.12 2.78
CA TYR A 309 6.31 12.92 3.91
C TYR A 309 5.42 12.11 4.86
N ASP A 310 4.52 11.30 4.30
CA ASP A 310 3.61 10.47 5.09
C ASP A 310 3.50 9.13 4.37
N ALA A 311 4.27 8.15 4.81
CA ALA A 311 4.12 6.81 4.25
C ALA A 311 2.68 6.37 4.44
N PRO A 312 1.93 6.10 3.37
CA PRO A 312 0.59 5.51 3.57
C PRO A 312 0.66 4.24 4.40
N ALA A 313 1.70 3.43 4.22
CA ALA A 313 1.98 2.29 5.07
C ALA A 313 3.08 2.69 6.06
N MET A 314 2.74 2.72 7.35
CA MET A 314 3.73 3.10 8.35
C MET A 314 4.77 2.00 8.55
N PHE A 315 4.32 0.74 8.61
CA PHE A 315 5.17 -0.39 8.89
C PHE A 315 5.24 -1.34 7.70
N SER A 316 6.14 -2.31 7.84
CA SER A 316 6.07 -3.56 7.09
C SER A 316 5.11 -4.51 7.79
N SER A 317 4.31 -5.21 6.99
CA SER A 317 3.53 -6.33 7.51
C SER A 317 4.12 -7.69 7.14
N ILE A 318 5.14 -7.71 6.28
CA ILE A 318 5.83 -8.95 5.93
C ILE A 318 6.77 -9.32 7.06
N PRO A 319 6.59 -10.45 7.74
CA PRO A 319 7.56 -10.85 8.76
C PRO A 319 8.92 -11.16 8.14
N ARG A 320 9.97 -10.74 8.84
CA ARG A 320 11.35 -10.99 8.43
C ARG A 320 12.06 -11.68 9.59
N ILE A 321 12.43 -12.94 9.39
CA ILE A 321 12.86 -13.83 10.47
C ILE A 321 14.37 -13.99 10.40
N ALA A 322 15.04 -13.74 11.53
CA ALA A 322 16.48 -13.85 11.59
C ALA A 322 16.93 -15.29 11.35
N GLN A 323 17.83 -15.47 10.38
CA GLN A 323 18.41 -16.78 10.10
C GLN A 323 19.45 -17.19 11.12
N TYR A 324 19.95 -16.25 11.92
CA TYR A 324 20.91 -16.54 12.97
C TYR A 324 20.94 -15.35 13.92
N ASP A 325 21.68 -15.51 15.01
CA ASP A 325 21.87 -14.41 15.95
C ASP A 325 22.49 -13.22 15.22
N ILE A 326 21.73 -12.13 15.15
CA ILE A 326 22.13 -10.91 14.48
C ILE A 326 22.49 -9.87 15.53
N THR A 327 23.42 -8.99 15.19
CA THR A 327 23.69 -7.82 16.02
C THR A 327 23.59 -6.57 15.17
N ILE A 328 22.86 -5.59 15.70
CA ILE A 328 22.83 -4.23 15.16
C ILE A 328 23.37 -3.34 16.29
N GLY A 329 24.56 -2.82 16.10
CA GLY A 329 25.27 -2.25 17.24
C GLY A 329 25.61 -3.38 18.21
N ASP A 330 25.35 -3.16 19.49
CA ASP A 330 25.52 -4.20 20.50
C ASP A 330 24.20 -4.87 20.88
N VAL A 331 23.13 -4.61 20.13
CA VAL A 331 21.84 -5.24 20.39
C VAL A 331 21.77 -6.54 19.59
N THR A 332 21.43 -7.63 20.27
CA THR A 332 21.33 -8.94 19.64
C THR A 332 19.90 -9.21 19.24
N ILE A 333 19.71 -9.66 18.01
CA ILE A 333 18.43 -10.15 17.51
C ILE A 333 18.58 -11.66 17.31
N PRO A 334 17.99 -12.48 18.17
CA PRO A 334 18.29 -13.92 18.13
C PRO A 334 17.68 -14.59 16.91
N GLU A 335 18.29 -15.72 16.55
CA GLU A 335 17.76 -16.59 15.50
C GLU A 335 16.26 -16.81 15.73
N GLY A 336 15.50 -16.75 14.64
CA GLY A 336 14.06 -16.95 14.70
C GLY A 336 13.26 -15.73 15.11
N ALA A 337 13.90 -14.62 15.44
CA ALA A 337 13.18 -13.43 15.87
C ALA A 337 12.57 -12.70 14.67
N ASP A 338 11.45 -12.02 14.92
CA ASP A 338 10.72 -11.29 13.90
C ASP A 338 11.10 -9.81 13.96
N VAL A 339 11.48 -9.26 12.82
CA VAL A 339 11.96 -7.88 12.71
C VAL A 339 11.06 -7.13 11.74
N ARG A 340 10.50 -6.02 12.19
CA ARG A 340 9.71 -5.14 11.36
C ARG A 340 10.41 -3.79 11.24
N VAL A 341 10.01 -3.02 10.23
CA VAL A 341 10.66 -1.76 9.89
C VAL A 341 9.62 -0.64 9.90
N LEU A 342 10.02 0.51 10.42
CA LEU A 342 9.15 1.69 10.49
C LEU A 342 9.48 2.57 9.28
N LEU A 343 8.91 2.18 8.14
CA LEU A 343 9.20 2.86 6.88
C LEU A 343 9.02 4.36 7.01
N ALA A 344 7.90 4.79 7.60
CA ALA A 344 7.63 6.21 7.74
C ALA A 344 8.74 6.93 8.49
N SER A 345 9.35 6.27 9.46
CA SER A 345 10.40 6.91 10.24
C SER A 345 11.67 7.08 9.44
N GLY A 346 12.01 6.09 8.61
CA GLY A 346 13.17 6.22 7.75
C GLY A 346 13.03 7.32 6.73
N ASN A 347 11.80 7.57 6.28
CA ASN A 347 11.55 8.65 5.33
C ASN A 347 11.80 10.02 5.94
N ARG A 348 11.77 10.14 7.26
CA ARG A 348 12.01 11.38 7.96
C ARG A 348 13.34 11.37 8.70
N ASP A 349 14.24 10.46 8.33
CA ASP A 349 15.56 10.38 8.94
C ASP A 349 16.47 11.46 8.36
N PRO A 350 16.93 12.42 9.16
CA PRO A 350 17.74 13.52 8.58
C PRO A 350 19.04 13.04 7.96
N ALA A 351 19.53 11.86 8.31
CA ALA A 351 20.74 11.34 7.65
C ALA A 351 20.46 10.97 6.20
N ALA A 352 19.20 10.68 5.86
CA ALA A 352 18.82 10.38 4.49
C ALA A 352 18.11 11.53 3.79
N PHE A 353 17.41 12.38 4.54
CA PHE A 353 16.63 13.47 3.95
C PHE A 353 16.80 14.72 4.81
N PRO A 354 17.67 15.65 4.41
CA PRO A 354 17.83 16.88 5.18
C PRO A 354 16.52 17.64 5.29
N ASP A 355 16.38 18.39 6.38
CA ASP A 355 15.15 19.11 6.75
C ASP A 355 13.96 18.18 6.52
N PRO A 356 13.91 17.03 7.21
CA PRO A 356 12.94 15.99 6.86
C PRO A 356 11.49 16.40 7.05
N ASP A 357 11.21 17.34 7.96
CA ASP A 357 9.84 17.74 8.26
C ASP A 357 9.29 18.78 7.28
N ARG A 358 10.04 19.10 6.23
CA ARG A 358 9.61 20.05 5.22
C ARG A 358 9.08 19.29 4.01
N PHE A 359 7.87 19.62 3.59
CA PHE A 359 7.31 19.08 2.36
C PHE A 359 7.91 19.84 1.19
N ASP A 360 8.82 19.21 0.45
CA ASP A 360 9.57 19.86 -0.62
C ASP A 360 9.67 18.89 -1.79
N PRO A 361 8.86 19.07 -2.84
CA PRO A 361 8.91 18.15 -3.98
C PRO A 361 10.23 18.16 -4.74
N SER A 362 11.07 19.18 -4.57
CA SER A 362 12.30 19.25 -5.34
C SER A 362 13.26 18.12 -5.02
N ARG A 363 13.07 17.43 -3.88
CA ARG A 363 13.98 16.34 -3.53
C ARG A 363 14.02 15.28 -4.62
N PHE A 364 12.93 15.12 -5.39
CA PHE A 364 12.80 14.04 -6.35
C PHE A 364 12.57 14.55 -7.77
N HIS A 365 12.89 15.80 -8.05
CA HIS A 365 12.63 16.36 -9.37
C HIS A 365 13.73 15.92 -10.34
N GLY A 366 13.33 15.21 -11.39
CA GLY A 366 14.27 14.79 -12.42
C GLY A 366 15.05 13.55 -12.11
N THR A 367 14.81 12.91 -10.97
CA THR A 367 15.53 11.70 -10.57
C THR A 367 14.72 10.46 -10.93
N ALA A 368 15.35 9.31 -10.75
CA ALA A 368 14.63 8.05 -10.86
C ALA A 368 13.53 8.00 -9.80
N PRO A 369 12.44 7.28 -10.05
CA PRO A 369 11.39 7.16 -9.03
C PRO A 369 11.95 6.63 -7.72
N GLY A 370 11.56 7.28 -6.62
CA GLY A 370 11.98 6.85 -5.30
C GLY A 370 13.34 7.33 -4.86
N MET A 371 14.09 8.01 -5.72
CA MET A 371 15.47 8.38 -5.45
C MET A 371 15.60 9.89 -5.33
N SER A 372 16.22 10.35 -4.25
CA SER A 372 16.40 11.79 -4.04
C SER A 372 17.60 12.29 -4.84
N THR A 373 17.68 13.62 -4.97
CA THR A 373 18.80 14.22 -5.69
C THR A 373 20.14 13.96 -5.00
N TYR A 374 20.11 13.54 -3.73
CA TYR A 374 21.33 13.20 -3.01
C TYR A 374 21.62 11.70 -3.02
N GLY A 375 20.79 10.90 -3.69
CA GLY A 375 21.05 9.47 -3.81
C GLY A 375 20.45 8.62 -2.71
N HIS A 376 19.47 9.13 -1.96
CA HIS A 376 18.82 8.37 -0.90
C HIS A 376 17.41 7.98 -1.33
N VAL A 377 17.03 6.73 -1.03
CA VAL A 377 15.74 6.20 -1.47
C VAL A 377 14.70 6.42 -0.39
N LEU A 378 13.50 6.81 -0.81
CA LEU A 378 12.35 6.75 0.09
C LEU A 378 11.93 5.30 0.25
N LEU A 379 11.35 5.00 1.40
CA LEU A 379 11.10 3.63 1.82
C LEU A 379 9.62 3.26 1.80
N SER A 380 8.76 4.14 1.29
CA SER A 380 7.32 3.91 1.35
C SER A 380 6.89 2.66 0.61
N PHE A 381 7.70 2.19 -0.34
CA PHE A 381 7.38 1.01 -1.13
C PHE A 381 8.25 -0.19 -0.79
N GLY A 382 9.12 -0.06 0.21
CA GLY A 382 10.05 -1.13 0.55
C GLY A 382 11.34 -1.02 -0.25
N HIS A 383 12.04 -2.14 -0.30
CA HIS A 383 13.30 -2.24 -1.03
C HIS A 383 13.68 -3.70 -1.11
N GLY A 384 14.40 -4.06 -2.17
CA GLY A 384 14.83 -5.43 -2.34
C GLY A 384 13.80 -6.33 -3.01
N ILE A 385 13.74 -7.60 -2.60
CA ILE A 385 12.97 -8.57 -3.37
C ILE A 385 11.48 -8.47 -3.14
N HIS A 386 11.03 -7.88 -2.03
CA HIS A 386 9.62 -7.68 -1.78
C HIS A 386 9.15 -6.26 -2.08
N PHE A 387 9.98 -5.48 -2.78
CA PHE A 387 9.59 -4.15 -3.22
C PHE A 387 8.20 -4.19 -3.84
N CYS A 388 7.38 -3.20 -3.48
CA CYS A 388 5.97 -3.21 -3.85
C CYS A 388 5.77 -3.51 -5.33
N LEU A 389 5.04 -4.60 -5.60
CA LEU A 389 4.73 -4.97 -6.97
C LEU A 389 3.89 -3.90 -7.67
N GLY A 390 3.09 -3.17 -6.90
CA GLY A 390 2.20 -2.16 -7.47
C GLY A 390 2.71 -0.73 -7.39
N ALA A 391 4.01 -0.55 -7.14
CA ALA A 391 4.54 0.80 -6.96
C ALA A 391 4.24 1.69 -8.17
N GLN A 392 4.48 1.17 -9.38
CA GLN A 392 4.19 1.96 -10.58
C GLN A 392 2.69 2.20 -10.71
N LEU A 393 1.88 1.18 -10.43
CA LEU A 393 0.43 1.34 -10.55
C LEU A 393 -0.09 2.43 -9.62
N ALA A 394 0.40 2.46 -8.38
CA ALA A 394 -0.01 3.51 -7.45
C ALA A 394 0.46 4.88 -7.93
N ARG A 395 1.73 4.97 -8.35
CA ARG A 395 2.27 6.25 -8.81
C ARG A 395 1.49 6.79 -9.99
N VAL A 396 1.15 5.92 -10.95
CA VAL A 396 0.45 6.38 -12.14
C VAL A 396 -0.96 6.84 -11.81
N GLN A 397 -1.62 6.16 -10.87
CA GLN A 397 -2.97 6.57 -10.49
C GLN A 397 -2.97 7.98 -9.92
N LEU A 398 -1.99 8.31 -9.07
CA LEU A 398 -1.93 9.66 -8.52
C LEU A 398 -1.46 10.66 -9.56
N ALA A 399 -0.49 10.27 -10.39
CA ALA A 399 0.01 11.17 -11.42
C ALA A 399 -1.11 11.65 -12.34
N GLU A 400 -2.11 10.81 -12.59
CA GLU A 400 -3.19 11.14 -13.50
C GLU A 400 -4.36 11.82 -12.80
N CYS A 401 -4.73 11.37 -11.60
CA CYS A 401 -5.92 11.90 -10.95
C CYS A 401 -5.66 13.23 -10.26
N LEU A 402 -4.46 13.44 -9.72
CA LEU A 402 -4.22 14.65 -8.93
C LEU A 402 -4.29 15.91 -9.78
N PRO A 403 -3.60 16.02 -10.91
CA PRO A 403 -3.76 17.22 -11.74
C PRO A 403 -5.20 17.47 -12.15
N VAL A 404 -5.96 16.40 -12.38
CA VAL A 404 -7.37 16.56 -12.74
C VAL A 404 -8.16 17.16 -11.59
N ILE A 405 -7.93 16.68 -10.37
CA ILE A 405 -8.60 17.27 -9.21
C ILE A 405 -8.18 18.72 -9.06
N ASN A 406 -6.88 18.98 -9.14
CA ASN A 406 -6.37 20.33 -8.90
C ASN A 406 -6.91 21.33 -9.90
N ALA A 407 -7.12 20.91 -11.15
CA ALA A 407 -7.63 21.83 -12.17
C ALA A 407 -9.13 22.03 -12.03
N ARG A 408 -9.88 20.96 -11.76
CA ARG A 408 -11.34 21.06 -11.74
C ARG A 408 -11.83 21.96 -10.62
N PHE A 409 -11.15 21.97 -9.48
CA PHE A 409 -11.58 22.71 -8.29
C PHE A 409 -10.40 23.52 -7.74
N PRO A 410 -10.03 24.61 -8.43
CA PRO A 410 -8.86 25.38 -7.98
C PRO A 410 -8.98 25.89 -6.55
N HIS A 411 -10.18 26.30 -6.13
CA HIS A 411 -10.40 26.85 -4.79
C HIS A 411 -10.92 25.80 -3.82
N LEU A 412 -10.54 24.55 -4.01
CA LEU A 412 -10.85 23.51 -3.05
C LEU A 412 -10.11 23.78 -1.74
N VAL A 413 -10.81 23.61 -0.62
CA VAL A 413 -10.23 23.84 0.69
C VAL A 413 -10.72 22.78 1.65
N LEU A 414 -9.91 22.53 2.68
CA LEU A 414 -10.32 21.62 3.75
C LEU A 414 -11.49 22.22 4.50
N ALA A 415 -12.56 21.44 4.66
CA ALA A 415 -13.77 21.91 5.33
C ALA A 415 -13.74 21.67 6.82
N GLY A 416 -13.01 20.66 7.27
CA GLY A 416 -12.88 20.37 8.68
C GLY A 416 -11.72 19.42 8.90
N ASP A 417 -11.57 18.98 10.13
CA ASP A 417 -10.46 18.09 10.45
C ASP A 417 -10.72 16.70 9.89
N PRO A 418 -9.80 16.13 9.10
CA PRO A 418 -9.97 14.74 8.68
C PRO A 418 -10.07 13.84 9.90
N VAL A 419 -10.90 12.80 9.78
CA VAL A 419 -11.12 11.84 10.86
C VAL A 419 -10.34 10.58 10.50
N ARG A 420 -9.29 10.31 11.28
CA ARG A 420 -8.42 9.18 10.97
C ARG A 420 -9.09 7.86 11.31
N GLU A 421 -8.86 6.86 10.47
CA GLU A 421 -9.40 5.52 10.67
C GLU A 421 -8.35 4.66 11.36
N PRO A 422 -8.62 4.14 12.56
CA PRO A 422 -7.61 3.30 13.23
C PRO A 422 -7.22 2.09 12.39
N SER A 423 -5.93 2.02 12.07
CA SER A 423 -5.33 0.88 11.40
C SER A 423 -4.07 0.48 12.14
N ALA A 424 -3.80 -0.83 12.19
CA ALA A 424 -2.60 -1.31 12.87
C ALA A 424 -1.35 -0.64 12.32
N PHE A 425 -1.23 -0.58 10.98
CA PHE A 425 0.01 -0.15 10.36
C PHE A 425 -0.18 0.80 9.18
N LEU A 426 -1.40 1.25 8.91
CA LEU A 426 -1.66 2.23 7.86
C LEU A 426 -2.10 3.55 8.48
N ARG A 427 -1.78 4.64 7.78
CA ARG A 427 -2.27 5.97 8.14
C ARG A 427 -3.49 6.29 7.27
N THR A 428 -4.58 5.61 7.58
CA THR A 428 -5.81 5.71 6.81
C THR A 428 -6.73 6.79 7.39
N PHE A 429 -7.70 7.21 6.58
CA PHE A 429 -8.70 8.19 6.96
C PHE A 429 -10.10 7.61 6.75
N ARG A 430 -11.01 8.01 7.65
CA ARG A 430 -12.42 7.71 7.47
C ARG A 430 -13.13 8.79 6.68
N SER A 431 -12.72 10.04 6.87
CA SER A 431 -13.30 11.17 6.15
C SER A 431 -12.20 12.14 5.79
N LEU A 432 -12.35 12.77 4.62
CA LEU A 432 -11.51 13.89 4.19
C LEU A 432 -12.47 14.98 3.72
N PRO A 433 -12.99 15.78 4.64
CA PRO A 433 -14.03 16.75 4.27
C PRO A 433 -13.44 17.93 3.51
N VAL A 434 -14.01 18.21 2.34
CA VAL A 434 -13.58 19.32 1.50
C VAL A 434 -14.78 20.13 1.08
N ARG A 435 -14.53 21.41 0.80
CA ARG A 435 -15.53 22.30 0.24
C ARG A 435 -14.83 23.31 -0.65
N LEU A 436 -15.62 24.12 -1.35
CA LEU A 436 -15.09 25.19 -2.19
C LEU A 436 -15.12 26.50 -1.42
N ASP A 437 -14.06 27.29 -1.57
CA ASP A 437 -13.97 28.57 -0.87
C ASP A 437 -15.08 29.50 -1.33
N THR A 438 -15.87 30.00 -0.38
CA THR A 438 -16.98 30.90 -0.65
C THR A 438 -16.52 32.32 -0.34
N SER A 439 -16.30 33.12 -1.41
CA SER A 439 -15.83 34.49 -1.23
C SER A 439 -16.29 35.31 -2.45
N GLY A 440 -17.56 35.71 -2.42
CA GLY A 440 -18.16 36.56 -3.44
C GLY A 440 -17.63 36.36 -4.84
CHA HEM B . 4.50 -5.06 -1.21
CHB HEM B . 3.53 -0.42 -0.02
CHC HEM B . 0.00 -0.37 -3.34
CHD HEM B . 0.89 -4.99 -4.47
C1A HEM B . 4.58 -3.81 -0.62
C2A HEM B . 5.58 -3.36 0.34
C3A HEM B . 5.31 -2.09 0.67
C4A HEM B . 4.13 -1.67 -0.08
CMA HEM B . 6.09 -1.21 1.65
CAA HEM B . 6.74 -4.23 0.87
CBA HEM B . 6.64 -4.35 2.39
CGA HEM B . 7.78 -5.16 2.95
O1A HEM B . 8.75 -5.45 2.20
O2A HEM B . 7.72 -5.52 4.14
C1B HEM B . 2.50 0.02 -0.83
C2B HEM B . 1.95 1.36 -0.89
C3B HEM B . 0.97 1.33 -1.82
C4B HEM B . 0.89 0.01 -2.36
CMB HEM B . 2.40 2.56 -0.03
CAB HEM B . 0.03 2.46 -2.31
CBB HEM B . 0.21 3.74 -1.97
C1C HEM B . 0.00 -1.57 -3.99
C2C HEM B . -0.72 -1.87 -5.21
C3C HEM B . -0.48 -3.13 -5.54
C4C HEM B . 0.40 -3.70 -4.53
CMC HEM B . -1.60 -0.87 -6.01
CAC HEM B . -1.06 -3.85 -6.79
CBC HEM B . -0.38 -4.83 -7.39
C1D HEM B . 1.93 -5.42 -3.66
C2D HEM B . 2.46 -6.77 -3.62
C3D HEM B . 3.46 -6.79 -2.73
C4D HEM B . 3.60 -5.46 -2.17
CMD HEM B . 1.97 -7.97 -4.46
CAD HEM B . 4.32 -8.01 -2.36
CBD HEM B . 5.56 -8.01 -3.26
CGD HEM B . 6.52 -9.12 -2.87
O1D HEM B . 6.46 -9.59 -1.71
O2D HEM B . 7.36 -9.51 -3.72
NA HEM B . 3.72 -2.74 -0.85
NB HEM B . 1.84 -0.77 -1.75
NC HEM B . 0.66 -2.71 -3.59
ND HEM B . 2.65 -4.66 -2.77
FE HEM B . 2.28 -2.70 -2.30
HHB HEM B . 3.87 0.20 0.66
HHC HEM B . -0.70 0.28 -3.59
HHD HEM B . 0.47 -5.66 -5.04
HMA HEM B . 5.86 -0.26 1.50
HMAA HEM B . 7.05 -1.33 1.51
HMAB HEM B . 5.86 -1.45 2.57
HAA HEM B . 7.58 -3.82 0.64
HAAA HEM B . 6.69 -5.11 0.48
HBA HEM B . 5.80 -4.77 2.62
HBAA HEM B . 6.66 -3.46 2.78
HMB HEM B . 2.79 2.23 0.80
HMBA HEM B . 1.64 3.12 0.17
HMBB HEM B . 3.06 3.07 -0.52
HAB HEM B . -0.69 2.23 -2.88
HBB HEM B . -0.41 4.42 -2.29
HBBA HEM B . 0.94 4.00 -1.38
HMC HEM B . -2.27 -0.48 -5.43
HMCA HEM B . -2.04 -1.34 -6.74
HMCB HEM B . -1.04 -0.17 -6.38
HAC HEM B . -1.91 -3.58 -7.14
HBC HEM B . -0.74 -5.27 -8.17
HBCA HEM B . 0.48 -5.11 -7.03
HMD HEM B . 2.57 -8.72 -4.34
HMDA HEM B . 1.95 -7.71 -5.42
HMDB HEM B . 1.06 -8.20 -4.18
HAD HEM B . 3.81 -8.84 -2.51
HADA HEM B . 4.60 -7.96 -1.43
HBD HEM B . 6.01 -7.15 -3.17
HBDA HEM B . 5.28 -8.13 -4.17
HHA HEM B . 5.16 -5.72 -0.91
#